data_4GJH
#
_entry.id   4GJH
#
_cell.length_a   71.052
_cell.length_b   90.579
_cell.length_c   117.216
_cell.angle_alpha   90.00
_cell.angle_beta   90.00
_cell.angle_gamma   90.00
#
_symmetry.space_group_name_H-M   'P 21 21 21'
#
loop_
_entity.id
_entity.type
_entity.pdbx_description
1 polymer 'TNF receptor-associated factor 5'
2 water water
#
_entity_poly.entity_id   1
_entity_poly.type   'polypeptide(L)'
_entity_poly.pdbx_seq_one_letter_code
;NIHKAQLNKNEERFKQLEGACYSGKLIWKVTDYRVKKREAVEGHTVSVFSQPFYTSRCGYRLCARAYLNGDGSGKGTHLS
LYFVVMRGEFDSLLQWPFRQRVTLMLLDQSGKKNHIVETFKADPNSSSFKRPDGEMNIASGCPRFVSHSTLENSKNTYIK
DDTLFLKVAVDLTDLEDL
;
_entity_poly.pdbx_strand_id   A,B,C
#
# COMPACT_ATOMS: atom_id res chain seq x y z
N HIS A 3 -13.29 -24.88 -5.30
CA HIS A 3 -12.00 -24.25 -5.56
C HIS A 3 -12.16 -23.11 -6.55
N LYS A 4 -13.29 -23.08 -7.23
CA LYS A 4 -13.66 -21.94 -8.05
C LYS A 4 -14.01 -20.80 -7.10
N ALA A 5 -14.61 -21.16 -5.97
CA ALA A 5 -14.91 -20.21 -4.90
C ALA A 5 -13.62 -19.73 -4.24
N GLN A 6 -12.64 -20.63 -4.17
CA GLN A 6 -11.32 -20.24 -3.65
C GLN A 6 -10.61 -19.28 -4.59
N LEU A 7 -10.62 -19.61 -5.87
CA LEU A 7 -9.99 -18.76 -6.87
C LEU A 7 -10.67 -17.42 -7.02
N ASN A 8 -11.97 -17.39 -6.79
CA ASN A 8 -12.70 -16.13 -6.82
C ASN A 8 -12.44 -15.32 -5.58
N LYS A 9 -12.31 -16.00 -4.45
CA LYS A 9 -12.00 -15.35 -3.19
C LYS A 9 -10.65 -14.66 -3.32
N ASN A 10 -9.70 -15.41 -3.87
CA ASN A 10 -8.40 -14.84 -4.14
C ASN A 10 -8.50 -13.66 -5.09
N GLU A 11 -9.01 -13.89 -6.29
CA GLU A 11 -9.23 -12.81 -7.23
C GLU A 11 -9.78 -11.53 -6.55
N GLU A 12 -10.80 -11.66 -5.73
CA GLU A 12 -11.36 -10.47 -5.13
C GLU A 12 -10.39 -9.82 -4.16
N ARG A 13 -9.72 -10.63 -3.36
CA ARG A 13 -8.79 -10.09 -2.37
C ARG A 13 -7.69 -9.30 -3.07
N PHE A 14 -7.19 -9.89 -4.14
CA PHE A 14 -6.21 -9.25 -4.97
C PHE A 14 -6.75 -7.92 -5.44
N LYS A 15 -8.02 -7.92 -5.86
CA LYS A 15 -8.60 -6.73 -6.43
C LYS A 15 -8.67 -5.61 -5.39
N GLN A 16 -9.06 -5.96 -4.17
CA GLN A 16 -9.15 -4.96 -3.12
C GLN A 16 -7.79 -4.37 -2.83
N LEU A 17 -6.81 -5.24 -2.65
CA LEU A 17 -5.45 -4.79 -2.37
C LEU A 17 -4.96 -3.86 -3.48
N GLU A 18 -5.22 -4.25 -4.73
CA GLU A 18 -4.80 -3.45 -5.89
C GLU A 18 -5.54 -2.11 -5.93
N GLY A 19 -6.72 -2.07 -5.33
CA GLY A 19 -7.54 -0.87 -5.39
C GLY A 19 -7.57 0.03 -4.17
N ALA A 20 -6.94 -0.40 -3.09
CA ALA A 20 -7.07 0.39 -1.85
C ALA A 20 -6.30 1.73 -1.90
N CYS A 21 -6.91 2.79 -1.37
CA CYS A 21 -6.28 4.09 -1.23
C CYS A 21 -6.46 4.53 0.21
N TYR A 22 -5.56 5.34 0.74
CA TYR A 22 -5.61 5.68 2.16
C TYR A 22 -5.59 7.16 2.51
N SER A 23 -6.17 7.97 1.64
CA SER A 23 -6.21 9.41 1.87
C SER A 23 -7.60 9.98 1.65
N GLY A 24 -8.61 9.14 1.85
CA GLY A 24 -9.99 9.53 1.66
C GLY A 24 -10.32 9.93 0.22
N LYS A 25 -9.51 9.46 -0.73
CA LYS A 25 -9.66 9.85 -2.11
C LYS A 25 -9.82 8.59 -2.96
N LEU A 26 -10.88 8.53 -3.75
CA LEU A 26 -11.10 7.39 -4.62
C LEU A 26 -11.28 7.86 -6.05
N ILE A 27 -10.50 7.30 -6.96
CA ILE A 27 -10.76 7.49 -8.38
C ILE A 27 -11.11 6.15 -9.01
N TRP A 28 -12.32 6.10 -9.55
CA TRP A 28 -12.95 4.85 -9.92
C TRP A 28 -13.13 4.79 -11.42
N LYS A 29 -12.33 3.97 -12.08
CA LYS A 29 -12.43 3.80 -13.52
C LYS A 29 -13.51 2.81 -13.87
N VAL A 30 -14.47 3.27 -14.65
CA VAL A 30 -15.55 2.41 -15.11
C VAL A 30 -15.41 2.13 -16.60
N THR A 31 -15.06 0.90 -16.95
CA THR A 31 -14.84 0.54 -18.33
C THR A 31 -16.04 -0.22 -18.81
N ASP A 32 -16.12 -0.41 -20.13
CA ASP A 32 -17.26 -1.10 -20.73
C ASP A 32 -18.56 -0.42 -20.36
N TYR A 33 -18.65 0.88 -20.55
CA TYR A 33 -19.87 1.57 -20.19
C TYR A 33 -21.10 0.97 -20.87
N ARG A 34 -21.08 0.91 -22.20
CA ARG A 34 -22.28 0.52 -22.93
C ARG A 34 -22.84 -0.79 -22.42
N VAL A 35 -21.95 -1.77 -22.26
CA VAL A 35 -22.37 -3.09 -21.82
C VAL A 35 -22.94 -3.07 -20.41
N LYS A 36 -22.33 -2.26 -19.55
CA LYS A 36 -22.75 -2.24 -18.17
C LYS A 36 -24.07 -1.53 -18.01
N LYS A 37 -24.27 -0.48 -18.78
CA LYS A 37 -25.57 0.19 -18.79
C LYS A 37 -26.64 -0.76 -19.38
N ARG A 38 -26.25 -1.53 -20.37
CA ARG A 38 -27.14 -2.52 -20.92
C ARG A 38 -27.57 -3.47 -19.80
N GLU A 39 -26.61 -3.90 -18.97
CA GLU A 39 -26.92 -4.86 -17.91
C GLU A 39 -27.83 -4.23 -16.87
N ALA A 40 -27.63 -2.94 -16.65
CA ALA A 40 -28.53 -2.19 -15.78
C ALA A 40 -29.97 -2.20 -16.34
N VAL A 41 -30.11 -1.76 -17.58
CA VAL A 41 -31.42 -1.64 -18.22
C VAL A 41 -32.14 -2.98 -18.26
N GLU A 42 -31.41 -4.05 -18.52
CA GLU A 42 -32.02 -5.38 -18.58
C GLU A 42 -32.35 -5.96 -17.19
N GLY A 43 -32.00 -5.23 -16.13
CA GLY A 43 -32.18 -5.71 -14.77
C GLY A 43 -31.21 -6.81 -14.37
N HIS A 44 -30.22 -7.04 -15.21
CA HIS A 44 -29.23 -8.09 -14.98
C HIS A 44 -28.28 -7.73 -13.83
N THR A 45 -27.80 -6.49 -13.85
CA THR A 45 -26.85 -6.01 -12.85
C THR A 45 -27.12 -4.53 -12.58
N VAL A 46 -28.01 -4.29 -11.65
CA VAL A 46 -28.54 -2.97 -11.37
C VAL A 46 -27.46 -1.95 -11.02
N SER A 47 -26.52 -2.35 -10.17
CA SER A 47 -25.53 -1.41 -9.65
C SER A 47 -24.11 -1.95 -9.67
N VAL A 48 -23.14 -1.06 -9.59
CA VAL A 48 -21.74 -1.46 -9.51
C VAL A 48 -21.06 -0.78 -8.34
N PHE A 49 -20.05 -1.44 -7.80
CA PHE A 49 -19.33 -0.97 -6.62
C PHE A 49 -17.90 -0.62 -6.96
N SER A 50 -17.33 0.31 -6.22
CA SER A 50 -15.89 0.52 -6.28
C SER A 50 -15.25 -0.44 -5.29
N GLN A 51 -13.94 -0.59 -5.38
CA GLN A 51 -13.19 -1.26 -4.35
C GLN A 51 -13.21 -0.39 -3.10
N PRO A 52 -13.02 -0.99 -1.94
CA PRO A 52 -12.98 -0.21 -0.71
C PRO A 52 -11.82 0.77 -0.66
N PHE A 53 -12.05 2.00 -0.22
CA PHE A 53 -10.94 2.91 0.10
C PHE A 53 -11.07 3.43 1.53
N TYR A 54 -10.09 4.18 2.00
CA TYR A 54 -10.00 4.53 3.40
C TYR A 54 -9.59 5.97 3.64
N THR A 55 -9.95 6.49 4.81
CA THR A 55 -9.56 7.84 5.20
C THR A 55 -8.11 7.87 5.67
N SER A 56 -7.64 6.72 6.13
CA SER A 56 -6.26 6.54 6.60
C SER A 56 -6.10 5.05 6.81
N ARG A 57 -4.85 4.60 6.91
CA ARG A 57 -4.57 3.18 6.91
C ARG A 57 -5.47 2.51 7.94
N CYS A 58 -5.64 3.16 9.09
CA CYS A 58 -6.49 2.62 10.16
C CYS A 58 -7.75 3.45 10.39
N GLY A 59 -8.26 4.14 9.38
CA GLY A 59 -9.50 4.89 9.55
C GLY A 59 -10.73 4.19 9.00
N TYR A 60 -11.70 5.00 8.56
CA TYR A 60 -12.95 4.48 8.01
C TYR A 60 -12.74 3.73 6.72
N ARG A 61 -13.39 2.57 6.60
CA ARG A 61 -13.47 1.84 5.34
C ARG A 61 -14.68 2.34 4.57
N LEU A 62 -14.51 2.63 3.27
CA LEU A 62 -15.57 3.27 2.48
C LEU A 62 -15.61 2.73 1.07
N CYS A 63 -16.65 3.09 0.33
CA CYS A 63 -16.68 2.79 -1.09
C CYS A 63 -17.81 3.51 -1.78
N ALA A 64 -17.81 3.44 -3.11
CA ALA A 64 -18.83 4.09 -3.90
C ALA A 64 -19.68 3.08 -4.62
N ARG A 65 -20.87 3.50 -5.01
CA ARG A 65 -21.79 2.62 -5.70
C ARG A 65 -22.52 3.44 -6.73
N ALA A 66 -22.64 2.90 -7.94
CA ALA A 66 -23.33 3.61 -8.98
C ALA A 66 -24.44 2.78 -9.56
N TYR A 67 -25.54 3.43 -9.89
CA TYR A 67 -26.61 2.80 -10.65
C TYR A 67 -26.59 3.42 -12.03
N LEU A 68 -26.00 2.70 -12.99
CA LEU A 68 -25.78 3.23 -14.33
C LEU A 68 -27.09 3.60 -15.01
N ASN A 69 -28.13 2.84 -14.74
CA ASN A 69 -29.43 3.17 -15.31
C ASN A 69 -30.32 3.87 -14.29
N GLY A 70 -29.69 4.48 -13.28
CA GLY A 70 -30.43 5.27 -12.33
C GLY A 70 -31.19 4.49 -11.25
N ASP A 71 -31.47 5.18 -10.16
CA ASP A 71 -32.06 4.58 -9.00
C ASP A 71 -33.01 5.58 -8.37
N GLY A 72 -34.20 5.09 -7.98
CA GLY A 72 -35.24 5.92 -7.40
C GLY A 72 -35.57 7.20 -8.17
N SER A 73 -35.26 8.33 -7.55
CA SER A 73 -35.49 9.65 -8.11
C SER A 73 -34.90 9.88 -9.54
N GLY A 74 -33.92 9.07 -9.92
CA GLY A 74 -33.27 9.22 -11.21
C GLY A 74 -33.33 7.95 -12.03
N LYS A 75 -34.11 7.01 -11.54
CA LYS A 75 -34.30 5.75 -12.23
C LYS A 75 -34.61 5.94 -13.70
N GLY A 76 -33.85 5.26 -14.56
CA GLY A 76 -34.09 5.27 -15.98
C GLY A 76 -33.60 6.50 -16.73
N THR A 77 -33.21 7.54 -16.01
CA THR A 77 -32.87 8.81 -16.66
C THR A 77 -31.51 9.36 -16.29
N HIS A 78 -31.02 8.99 -15.13
CA HIS A 78 -29.70 9.44 -14.67
C HIS A 78 -28.78 8.30 -14.26
N LEU A 79 -27.50 8.63 -14.17
CA LEU A 79 -26.57 7.82 -13.39
C LEU A 79 -26.72 8.25 -11.95
N SER A 80 -26.98 7.28 -11.07
CA SER A 80 -27.11 7.53 -9.64
C SER A 80 -25.80 7.19 -8.96
N LEU A 81 -25.24 8.17 -8.25
CA LEU A 81 -23.96 7.99 -7.54
C LEU A 81 -24.10 8.07 -6.02
N TYR A 82 -23.76 6.99 -5.34
CA TYR A 82 -23.89 6.94 -3.89
C TYR A 82 -22.57 6.66 -3.16
N PHE A 83 -22.45 7.30 -2.00
CA PHE A 83 -21.35 7.10 -1.09
C PHE A 83 -21.75 6.05 -0.05
N VAL A 84 -20.78 5.31 0.48
CA VAL A 84 -21.07 4.18 1.38
C VAL A 84 -20.04 4.00 2.47
N VAL A 85 -20.48 4.13 3.72
CA VAL A 85 -19.65 3.72 4.85
C VAL A 85 -19.73 2.21 5.04
N MET A 86 -18.57 1.57 5.08
CA MET A 86 -18.51 0.13 5.26
C MET A 86 -18.11 -0.15 6.71
N ARG A 87 -18.29 -1.38 7.16
CA ARG A 87 -17.69 -1.79 8.41
C ARG A 87 -16.15 -1.81 8.32
N GLY A 88 -15.49 -1.06 9.20
CA GLY A 88 -14.05 -1.02 9.23
C GLY A 88 -13.45 -1.83 10.36
N GLU A 89 -12.22 -2.31 10.15
CA GLU A 89 -11.54 -3.10 11.17
C GLU A 89 -11.33 -2.32 12.48
N PHE A 90 -11.25 -1.00 12.41
CA PHE A 90 -10.98 -0.21 13.61
C PHE A 90 -12.14 0.67 14.01
N ASP A 91 -13.35 0.31 13.60
CA ASP A 91 -14.51 1.16 13.87
C ASP A 91 -14.64 1.55 15.33
N SER A 92 -14.29 0.66 16.27
CA SER A 92 -14.38 0.96 17.70
C SER A 92 -13.56 2.18 18.11
N LEU A 93 -12.46 2.44 17.42
CA LEU A 93 -11.63 3.57 17.78
C LEU A 93 -12.06 4.81 17.05
N LEU A 94 -12.99 4.69 16.11
CA LEU A 94 -13.38 5.86 15.32
C LEU A 94 -14.56 6.64 15.91
N GLN A 95 -14.66 7.90 15.52
CA GLN A 95 -15.72 8.75 16.01
C GLN A 95 -17.00 8.47 15.25
N TRP A 96 -18.10 8.30 15.96
CA TRP A 96 -19.38 8.12 15.29
C TRP A 96 -20.38 9.12 15.83
N PRO A 97 -21.26 9.63 14.96
CA PRO A 97 -21.39 9.25 13.55
C PRO A 97 -20.27 9.81 12.71
N PHE A 98 -20.16 9.30 11.49
CA PHE A 98 -19.29 9.85 10.48
C PHE A 98 -19.79 11.25 10.21
N ARG A 99 -18.88 12.23 10.18
CA ARG A 99 -19.25 13.65 10.12
C ARG A 99 -18.48 14.50 9.07
N GLN A 100 -17.81 13.85 8.14
CA GLN A 100 -16.94 14.54 7.19
C GLN A 100 -17.68 15.06 5.96
N ARG A 101 -17.19 16.15 5.38
CA ARG A 101 -17.74 16.60 4.11
C ARG A 101 -17.32 15.64 3.00
N VAL A 102 -18.22 15.39 2.07
CA VAL A 102 -17.94 14.46 0.99
C VAL A 102 -18.20 15.10 -0.35
N THR A 103 -17.34 14.83 -1.31
CA THR A 103 -17.54 15.35 -2.65
C THR A 103 -17.55 14.24 -3.69
N LEU A 104 -18.58 14.26 -4.55
CA LEU A 104 -18.79 13.25 -5.58
C LEU A 104 -18.53 13.89 -6.91
N MET A 105 -17.86 13.16 -7.80
CA MET A 105 -17.47 13.72 -9.10
C MET A 105 -17.52 12.76 -10.27
N LEU A 106 -17.89 13.30 -11.42
CA LEU A 106 -17.69 12.65 -12.69
C LEU A 106 -16.67 13.51 -13.44
N LEU A 107 -15.61 12.89 -13.94
CA LEU A 107 -14.48 13.64 -14.44
C LEU A 107 -14.58 13.99 -15.92
N ASP A 108 -14.28 15.24 -16.23
CA ASP A 108 -14.21 15.67 -17.62
C ASP A 108 -12.87 15.21 -18.19
N GLN A 109 -12.93 14.35 -19.18
CA GLN A 109 -11.71 13.82 -19.77
C GLN A 109 -11.16 14.68 -20.91
N SER A 110 -11.82 15.80 -21.19
CA SER A 110 -11.46 16.65 -22.32
C SER A 110 -10.22 17.49 -22.07
N GLY A 111 -9.87 17.68 -20.80
CA GLY A 111 -8.76 18.57 -20.48
C GLY A 111 -9.24 19.93 -20.03
N LYS A 112 -10.48 20.28 -20.42
CA LYS A 112 -11.12 21.50 -19.93
C LYS A 112 -11.48 21.39 -18.45
N LYS A 113 -11.25 20.20 -17.88
CA LYS A 113 -11.48 19.96 -16.47
C LYS A 113 -12.86 20.46 -16.02
N ASN A 114 -13.83 20.34 -16.91
CA ASN A 114 -15.19 20.74 -16.59
C ASN A 114 -15.97 19.62 -15.91
N HIS A 115 -15.56 19.28 -14.69
CA HIS A 115 -16.11 18.12 -14.03
C HIS A 115 -17.46 18.41 -13.45
N ILE A 116 -18.21 17.35 -13.19
CA ILE A 116 -19.47 17.46 -12.48
C ILE A 116 -19.30 17.11 -11.02
N VAL A 117 -19.55 18.08 -10.15
CA VAL A 117 -19.27 17.90 -8.74
C VAL A 117 -20.44 18.25 -7.82
N GLU A 118 -20.77 17.33 -6.94
CA GLU A 118 -21.75 17.58 -5.90
C GLU A 118 -21.11 17.35 -4.55
N THR A 119 -21.27 18.28 -3.61
CA THR A 119 -20.67 18.11 -2.29
C THR A 119 -21.70 18.24 -1.19
N PHE A 120 -21.46 17.62 -0.05
CA PHE A 120 -22.38 17.77 1.08
C PHE A 120 -21.75 17.44 2.42
N LYS A 121 -22.36 17.95 3.49
CA LYS A 121 -21.92 17.64 4.85
C LYS A 121 -22.70 16.43 5.34
N ALA A 122 -22.01 15.43 5.88
CA ALA A 122 -22.70 14.23 6.36
C ALA A 122 -23.65 14.51 7.52
N ASP A 123 -24.93 14.23 7.31
CA ASP A 123 -25.97 14.46 8.29
C ASP A 123 -25.87 13.46 9.46
N PRO A 124 -25.52 13.95 10.65
CA PRO A 124 -25.37 13.10 11.83
C PRO A 124 -26.61 12.24 12.12
N ASN A 125 -27.81 12.74 11.81
CA ASN A 125 -29.04 11.99 12.06
C ASN A 125 -29.29 10.90 11.05
N SER A 126 -28.51 10.89 9.98
CA SER A 126 -28.66 9.89 8.95
C SER A 126 -28.08 8.56 9.43
N SER A 127 -28.78 7.49 9.08
CA SER A 127 -28.34 6.16 9.45
C SER A 127 -27.28 5.66 8.49
N SER A 128 -27.00 6.47 7.46
CA SER A 128 -25.92 6.17 6.55
C SER A 128 -24.61 6.30 7.30
N PHE A 129 -24.61 7.12 8.34
CA PHE A 129 -23.37 7.48 9.04
C PHE A 129 -23.24 6.99 10.47
N LYS A 130 -24.11 6.07 10.89
CA LYS A 130 -23.92 5.42 12.18
C LYS A 130 -22.77 4.45 12.07
N ARG A 131 -22.24 4.01 13.20
CA ARG A 131 -21.25 2.95 13.15
C ARG A 131 -21.88 1.70 12.57
N PRO A 132 -21.26 1.14 11.51
CA PRO A 132 -21.95 0.08 10.77
C PRO A 132 -22.22 -1.14 11.61
N ASP A 133 -23.29 -1.83 11.23
CA ASP A 133 -23.78 -2.96 11.99
C ASP A 133 -23.46 -4.24 11.26
N GLY A 134 -23.67 -4.23 9.96
CA GLY A 134 -23.28 -5.35 9.12
C GLY A 134 -22.13 -4.97 8.21
N GLU A 135 -22.16 -5.50 7.00
CA GLU A 135 -21.12 -5.21 6.03
C GLU A 135 -21.05 -3.71 5.64
N MET A 136 -22.18 -3.05 5.47
CA MET A 136 -22.15 -1.62 5.13
C MET A 136 -23.47 -0.87 5.34
N ASN A 137 -23.37 0.37 5.81
CA ASN A 137 -24.55 1.19 6.01
C ASN A 137 -25.31 1.46 4.73
N ILE A 138 -26.52 1.97 4.85
CA ILE A 138 -27.30 2.32 3.68
C ILE A 138 -26.56 3.41 2.94
N ALA A 139 -26.58 3.31 1.62
CA ALA A 139 -25.90 4.26 0.77
C ALA A 139 -26.58 5.63 0.82
N SER A 140 -25.83 6.66 0.49
CA SER A 140 -26.36 7.99 0.52
C SER A 140 -25.67 8.83 -0.55
N GLY A 141 -26.43 9.63 -1.29
CA GLY A 141 -25.84 10.43 -2.33
C GLY A 141 -26.83 11.04 -3.29
N CYS A 142 -26.54 10.97 -4.58
CA CYS A 142 -27.34 11.65 -5.60
C CYS A 142 -27.92 10.66 -6.59
N PRO A 143 -29.22 10.38 -6.46
CA PRO A 143 -29.92 9.51 -7.40
C PRO A 143 -29.95 10.18 -8.77
N ARG A 144 -29.82 11.51 -8.79
CA ARG A 144 -29.88 12.24 -10.03
C ARG A 144 -28.59 13.04 -10.22
N PHE A 145 -27.48 12.36 -9.97
CA PHE A 145 -26.18 12.98 -10.01
C PHE A 145 -25.94 13.60 -11.37
N VAL A 146 -26.10 12.82 -12.43
CA VAL A 146 -25.96 13.35 -13.79
C VAL A 146 -26.89 12.62 -14.74
N SER A 147 -27.53 13.36 -15.64
CA SER A 147 -28.51 12.76 -16.54
C SER A 147 -27.82 12.04 -17.68
N HIS A 148 -28.39 10.90 -18.09
CA HIS A 148 -27.90 10.16 -19.25
C HIS A 148 -27.61 11.12 -20.38
N SER A 149 -28.51 12.08 -20.57
CA SER A 149 -28.39 13.04 -21.64
C SER A 149 -27.05 13.78 -21.62
N THR A 150 -26.70 14.33 -20.47
CA THR A 150 -25.46 15.09 -20.35
C THR A 150 -24.25 14.16 -20.41
N LEU A 151 -24.38 13.04 -19.74
CA LEU A 151 -23.29 12.07 -19.62
C LEU A 151 -22.89 11.49 -20.96
N GLU A 152 -23.89 11.17 -21.77
CA GLU A 152 -23.67 10.37 -22.98
C GLU A 152 -23.53 11.18 -24.25
N ASN A 153 -24.07 12.38 -24.20
CA ASN A 153 -23.99 13.36 -25.26
C ASN A 153 -22.64 13.37 -26.00
N SER A 154 -22.70 13.26 -27.33
CA SER A 154 -21.49 13.18 -28.19
C SER A 154 -20.54 14.36 -28.14
N LYS A 155 -21.08 15.55 -27.97
CA LYS A 155 -20.25 16.73 -27.84
C LYS A 155 -19.66 16.78 -26.43
N ASN A 156 -19.81 15.69 -25.69
CA ASN A 156 -19.15 15.63 -24.39
C ASN A 156 -18.08 14.56 -24.26
N THR A 157 -17.25 14.72 -23.23
CA THR A 157 -16.11 13.85 -23.01
C THR A 157 -16.11 13.33 -21.59
N TYR A 158 -17.27 12.94 -21.11
CA TYR A 158 -17.35 12.28 -19.83
C TYR A 158 -17.17 10.80 -20.08
N ILE A 159 -17.59 10.34 -21.26
CA ILE A 159 -17.22 9.00 -21.68
C ILE A 159 -16.27 9.01 -22.88
N LYS A 160 -15.13 8.36 -22.71
CA LYS A 160 -14.13 8.29 -23.76
C LYS A 160 -13.70 6.85 -23.83
N ASP A 161 -13.74 6.30 -25.05
CA ASP A 161 -13.40 4.90 -25.31
C ASP A 161 -14.23 3.98 -24.42
N ASP A 162 -15.51 4.30 -24.31
CA ASP A 162 -16.45 3.46 -23.57
C ASP A 162 -16.10 3.38 -22.07
N THR A 163 -15.32 4.33 -21.56
CA THR A 163 -15.03 4.33 -20.11
C THR A 163 -15.09 5.73 -19.49
N LEU A 164 -15.61 5.81 -18.27
CA LEU A 164 -15.71 7.07 -17.50
C LEU A 164 -15.01 6.92 -16.14
N PHE A 165 -14.76 8.05 -15.50
CA PHE A 165 -14.05 8.04 -14.23
C PHE A 165 -14.86 8.79 -13.20
N LEU A 166 -15.14 8.13 -12.08
CA LEU A 166 -15.83 8.73 -10.96
C LEU A 166 -14.84 9.01 -9.85
N LYS A 167 -15.04 10.10 -9.13
CA LYS A 167 -14.14 10.42 -8.04
C LYS A 167 -14.94 10.76 -6.78
N VAL A 168 -14.54 10.14 -5.67
CA VAL A 168 -15.06 10.54 -4.36
C VAL A 168 -13.92 11.16 -3.55
N ALA A 169 -14.18 12.27 -2.87
CA ALA A 169 -13.17 12.83 -1.99
C ALA A 169 -13.77 13.18 -0.65
N VAL A 170 -13.20 12.61 0.40
CA VAL A 170 -13.64 12.87 1.75
C VAL A 170 -12.76 13.93 2.40
N ASP A 171 -13.37 14.95 3.01
CA ASP A 171 -12.60 15.94 3.74
C ASP A 171 -12.11 15.37 5.07
N LEU A 172 -10.80 15.41 5.26
CA LEU A 172 -10.14 14.84 6.43
C LEU A 172 -9.96 15.82 7.57
N THR A 173 -10.39 17.06 7.38
CA THR A 173 -10.34 18.06 8.44
C THR A 173 -10.82 17.50 9.76
N ASP A 174 -10.03 17.73 10.80
CA ASP A 174 -10.38 17.30 12.17
C ASP A 174 -10.48 15.79 12.31
N LEU A 175 -9.68 15.06 11.56
CA LEU A 175 -9.60 13.63 11.76
C LEU A 175 -8.31 13.31 12.45
N GLU A 176 -8.38 12.37 13.39
CA GLU A 176 -7.31 12.08 14.32
C GLU A 176 -6.12 11.33 13.71
N ASP A 177 -6.34 10.06 13.35
CA ASP A 177 -5.27 9.25 12.77
C ASP A 177 -4.18 8.93 13.82
N ILE B 2 0.49 -31.32 0.11
CA ILE B 2 1.46 -30.23 -0.02
C ILE B 2 0.78 -28.93 -0.45
N HIS B 3 -0.52 -28.84 -0.22
CA HIS B 3 -1.30 -27.73 -0.75
C HIS B 3 -2.02 -27.00 0.36
N LYS B 4 -2.10 -27.64 1.52
CA LYS B 4 -2.58 -26.97 2.73
C LYS B 4 -1.50 -26.00 3.17
N ALA B 5 -0.25 -26.38 2.95
CA ALA B 5 0.90 -25.51 3.21
C ALA B 5 0.94 -24.38 2.19
N GLN B 6 0.50 -24.67 0.96
CA GLN B 6 0.39 -23.63 -0.05
C GLN B 6 -0.72 -22.63 0.29
N LEU B 7 -1.89 -23.13 0.66
CA LEU B 7 -3.01 -22.28 1.04
C LEU B 7 -2.71 -21.47 2.28
N ASN B 8 -1.92 -22.03 3.19
CA ASN B 8 -1.54 -21.30 4.38
C ASN B 8 -0.48 -20.26 4.09
N LYS B 9 0.41 -20.59 3.16
CA LYS B 9 1.44 -19.64 2.73
C LYS B 9 0.76 -18.43 2.09
N ASN B 10 -0.21 -18.70 1.22
CA ASN B 10 -1.03 -17.65 0.67
C ASN B 10 -1.73 -16.86 1.76
N GLU B 11 -2.57 -17.51 2.55
CA GLU B 11 -3.26 -16.84 3.62
C GLU B 11 -2.35 -15.88 4.39
N GLU B 12 -1.15 -16.33 4.74
CA GLU B 12 -0.26 -15.46 5.51
C GLU B 12 0.22 -14.28 4.70
N ARG B 13 0.59 -14.53 3.46
CA ARG B 13 1.05 -13.44 2.60
C ARG B 13 -0.04 -12.37 2.45
N PHE B 14 -1.26 -12.83 2.23
CA PHE B 14 -2.40 -11.96 2.16
C PHE B 14 -2.49 -11.15 3.45
N LYS B 15 -2.29 -11.84 4.58
CA LYS B 15 -2.43 -11.21 5.88
C LYS B 15 -1.40 -10.09 6.06
N GLN B 16 -0.16 -10.33 5.62
CA GLN B 16 0.87 -9.34 5.76
C GLN B 16 0.58 -8.13 4.89
N LEU B 17 0.23 -8.38 3.64
CA LEU B 17 -0.15 -7.29 2.75
C LEU B 17 -1.31 -6.46 3.31
N GLU B 18 -2.34 -7.13 3.82
CA GLU B 18 -3.47 -6.45 4.42
C GLU B 18 -3.06 -5.67 5.67
N GLY B 19 -2.02 -6.11 6.34
CA GLY B 19 -1.59 -5.49 7.59
C GLY B 19 -0.48 -4.46 7.53
N ALA B 20 0.18 -4.32 6.39
CA ALA B 20 1.37 -3.48 6.35
C ALA B 20 1.08 -1.99 6.50
N CYS B 21 1.89 -1.28 7.28
CA CYS B 21 1.84 0.19 7.39
C CYS B 21 3.22 0.74 7.14
N TYR B 22 3.31 1.96 6.65
CA TYR B 22 4.62 2.47 6.24
C TYR B 22 5.02 3.83 6.83
N SER B 23 4.59 4.09 8.05
CA SER B 23 4.91 5.36 8.67
C SER B 23 5.38 5.16 10.09
N GLY B 24 5.91 3.97 10.36
CA GLY B 24 6.43 3.62 11.67
C GLY B 24 5.35 3.52 12.72
N LYS B 25 4.10 3.35 12.28
CA LYS B 25 2.97 3.38 13.18
C LYS B 25 2.21 2.07 13.04
N LEU B 26 1.98 1.38 14.15
CA LEU B 26 1.23 0.13 14.11
C LEU B 26 0.07 0.19 15.07
N ILE B 27 -1.12 -0.09 14.57
CA ILE B 27 -2.26 -0.30 15.44
C ILE B 27 -2.72 -1.74 15.32
N TRP B 28 -2.67 -2.44 16.44
CA TRP B 28 -2.79 -3.89 16.45
C TRP B 28 -4.06 -4.31 17.19
N LYS B 29 -5.07 -4.73 16.45
CA LYS B 29 -6.33 -5.16 17.06
C LYS B 29 -6.21 -6.60 17.53
N VAL B 30 -6.48 -6.83 18.81
CA VAL B 30 -6.43 -8.16 19.36
C VAL B 30 -7.83 -8.60 19.78
N THR B 31 -8.36 -9.57 19.03
CA THR B 31 -9.71 -10.02 19.21
C THR B 31 -9.66 -11.33 19.96
N ASP B 32 -10.80 -11.77 20.50
CA ASP B 32 -10.87 -12.99 21.28
C ASP B 32 -9.94 -12.99 22.46
N TYR B 33 -10.01 -11.94 23.28
CA TYR B 33 -9.07 -11.83 24.37
C TYR B 33 -9.14 -13.05 25.27
N ARG B 34 -10.32 -13.33 25.80
CA ARG B 34 -10.45 -14.38 26.77
C ARG B 34 -9.81 -15.67 26.33
N VAL B 35 -10.17 -16.12 25.14
CA VAL B 35 -9.64 -17.35 24.59
C VAL B 35 -8.14 -17.33 24.42
N LYS B 36 -7.59 -16.20 23.99
CA LYS B 36 -6.16 -16.13 23.75
C LYS B 36 -5.39 -16.13 25.07
N LYS B 37 -5.92 -15.45 26.08
CA LYS B 37 -5.31 -15.47 27.38
C LYS B 37 -5.39 -16.88 27.97
N ARG B 38 -6.53 -17.52 27.76
CA ARG B 38 -6.65 -18.92 28.10
C ARG B 38 -5.52 -19.76 27.46
N GLU B 39 -5.25 -19.53 26.18
CA GLU B 39 -4.22 -20.30 25.48
C GLU B 39 -2.85 -20.00 26.06
N ALA B 40 -2.69 -18.77 26.55
CA ALA B 40 -1.43 -18.39 27.16
C ALA B 40 -1.26 -19.18 28.44
N VAL B 41 -2.25 -19.04 29.33
CA VAL B 41 -2.25 -19.71 30.62
C VAL B 41 -2.02 -21.22 30.53
N GLU B 42 -2.68 -21.87 29.57
CA GLU B 42 -2.52 -23.29 29.36
C GLU B 42 -1.19 -23.70 28.72
N GLY B 43 -0.37 -22.71 28.37
CA GLY B 43 0.90 -22.96 27.69
C GLY B 43 0.75 -23.39 26.25
N HIS B 44 -0.47 -23.28 25.74
CA HIS B 44 -0.80 -23.64 24.37
C HIS B 44 -0.17 -22.67 23.38
N THR B 45 -0.36 -21.39 23.64
CA THR B 45 0.16 -20.35 22.77
C THR B 45 0.60 -19.20 23.64
N VAL B 46 1.88 -19.23 23.98
CA VAL B 46 2.44 -18.29 24.93
C VAL B 46 2.36 -16.83 24.49
N SER B 47 2.61 -16.57 23.20
CA SER B 47 2.75 -15.21 22.68
C SER B 47 2.10 -15.00 21.33
N VAL B 48 1.77 -13.76 21.02
CA VAL B 48 1.15 -13.43 19.74
C VAL B 48 1.93 -12.32 19.05
N PHE B 49 1.85 -12.28 17.73
CA PHE B 49 2.62 -11.32 16.94
C PHE B 49 1.69 -10.42 16.18
N SER B 50 2.14 -9.20 15.91
CA SER B 50 1.46 -8.37 14.94
C SER B 50 1.98 -8.72 13.56
N GLN B 51 1.31 -8.22 12.54
CA GLN B 51 1.85 -8.28 11.18
C GLN B 51 2.99 -7.29 11.12
N PRO B 52 3.96 -7.53 10.25
CA PRO B 52 5.08 -6.59 10.06
C PRO B 52 4.63 -5.19 9.64
N PHE B 53 5.17 -4.15 10.28
CA PHE B 53 5.02 -2.79 9.74
C PHE B 53 6.39 -2.16 9.50
N TYR B 54 6.40 -0.96 8.94
CA TYR B 54 7.62 -0.36 8.40
C TYR B 54 7.76 1.11 8.72
N THR B 55 8.99 1.59 8.78
CA THR B 55 9.25 3.01 9.02
C THR B 55 9.00 3.81 7.75
N SER B 56 9.14 3.11 6.61
CA SER B 56 8.92 3.71 5.30
C SER B 56 8.89 2.54 4.33
N ARG B 57 8.37 2.76 3.13
CA ARG B 57 8.21 1.66 2.19
C ARG B 57 9.49 0.83 2.11
N CYS B 58 10.63 1.50 2.06
CA CYS B 58 11.93 0.83 1.97
C CYS B 58 12.77 0.97 3.24
N GLY B 59 12.15 1.18 4.39
CA GLY B 59 12.89 1.27 5.64
C GLY B 59 12.94 -0.04 6.44
N TYR B 60 13.09 0.11 7.76
CA TYR B 60 13.11 -1.03 8.67
C TYR B 60 11.79 -1.81 8.68
N ARG B 61 11.92 -3.14 8.68
CA ARG B 61 10.77 -4.01 8.89
C ARG B 61 10.68 -4.31 10.40
N LEU B 62 9.46 -4.26 10.94
CA LEU B 62 9.28 -4.31 12.38
C LEU B 62 8.01 -5.07 12.75
N CYS B 63 7.86 -5.36 14.03
CA CYS B 63 6.58 -5.88 14.50
C CYS B 63 6.55 -5.94 16.01
N ALA B 64 5.37 -6.24 16.54
CA ALA B 64 5.19 -6.27 17.96
C ALA B 64 4.86 -7.69 18.39
N ARG B 65 5.07 -7.96 19.67
CA ARG B 65 4.82 -9.27 20.21
C ARG B 65 4.29 -9.10 21.60
N ALA B 66 3.24 -9.83 21.93
CA ALA B 66 2.67 -9.73 23.25
C ALA B 66 2.61 -11.11 23.89
N TYR B 67 2.84 -11.11 25.21
CA TYR B 67 2.61 -12.28 26.02
C TYR B 67 1.40 -11.97 26.87
N LEU B 68 0.25 -12.51 26.48
CA LEU B 68 -1.00 -12.17 27.13
C LEU B 68 -1.01 -12.58 28.60
N ASN B 69 -0.33 -13.68 28.91
CA ASN B 69 -0.22 -14.10 30.30
C ASN B 69 1.13 -13.74 30.89
N GLY B 70 1.78 -12.74 30.29
CA GLY B 70 3.01 -12.21 30.85
C GLY B 70 4.24 -13.05 30.62
N ASP B 71 5.38 -12.38 30.68
CA ASP B 71 6.66 -12.98 30.33
C ASP B 71 7.75 -12.47 31.26
N GLY B 72 8.60 -13.38 31.72
CA GLY B 72 9.63 -13.08 32.71
C GLY B 72 9.12 -12.27 33.92
N SER B 73 9.67 -11.07 34.04
CA SER B 73 9.35 -10.12 35.11
C SER B 73 7.85 -9.86 35.36
N GLY B 74 7.00 -10.15 34.38
CA GLY B 74 5.56 -9.96 34.51
C GLY B 74 4.76 -11.25 34.31
N LYS B 75 5.50 -12.36 34.18
CA LYS B 75 4.91 -13.67 34.00
C LYS B 75 3.73 -13.91 34.95
N GLY B 76 2.59 -14.31 34.39
CA GLY B 76 1.44 -14.65 35.20
C GLY B 76 0.65 -13.48 35.78
N THR B 77 1.20 -12.26 35.71
CA THR B 77 0.54 -11.12 36.33
C THR B 77 0.27 -9.93 35.42
N HIS B 78 1.04 -9.82 34.34
CA HIS B 78 0.87 -8.72 33.39
C HIS B 78 0.77 -9.18 31.96
N LEU B 79 0.31 -8.25 31.12
CA LEU B 79 0.49 -8.38 29.69
C LEU B 79 1.86 -7.80 29.36
N SER B 80 2.69 -8.62 28.72
CA SER B 80 4.04 -8.22 28.35
C SER B 80 4.02 -7.75 26.91
N LEU B 81 4.45 -6.52 26.69
CA LEU B 81 4.49 -5.98 25.33
C LEU B 81 5.90 -5.68 24.83
N TYR B 82 6.29 -6.33 23.76
CA TYR B 82 7.64 -6.18 23.23
C TYR B 82 7.68 -5.68 21.78
N PHE B 83 8.70 -4.88 21.50
CA PHE B 83 9.01 -4.36 20.16
C PHE B 83 10.03 -5.28 19.49
N VAL B 84 9.97 -5.39 18.18
CA VAL B 84 10.84 -6.33 17.47
C VAL B 84 11.34 -5.78 16.14
N VAL B 85 12.67 -5.72 16.00
CA VAL B 85 13.27 -5.43 14.70
C VAL B 85 13.36 -6.72 13.92
N MET B 86 12.85 -6.72 12.70
CA MET B 86 12.90 -7.91 11.86
C MET B 86 13.90 -7.68 10.75
N ARG B 87 14.28 -8.75 10.07
CA ARG B 87 15.15 -8.59 8.91
C ARG B 87 14.39 -7.91 7.77
N GLY B 88 14.93 -6.79 7.29
CA GLY B 88 14.28 -6.05 6.22
C GLY B 88 14.96 -6.28 4.88
N GLU B 89 14.20 -6.11 3.82
CA GLU B 89 14.75 -6.31 2.48
C GLU B 89 15.88 -5.31 2.18
N PHE B 90 15.84 -4.13 2.79
CA PHE B 90 16.83 -3.11 2.50
C PHE B 90 17.78 -2.83 3.66
N ASP B 91 17.99 -3.81 4.52
CA ASP B 91 18.80 -3.59 5.70
C ASP B 91 20.20 -3.04 5.38
N SER B 92 20.77 -3.46 4.25
CA SER B 92 22.11 -2.99 3.88
C SER B 92 22.20 -1.48 3.70
N LEU B 93 21.09 -0.85 3.32
CA LEU B 93 21.10 0.58 3.09
C LEU B 93 20.74 1.33 4.36
N LEU B 94 20.36 0.60 5.39
CA LEU B 94 19.88 1.26 6.61
C LEU B 94 20.97 1.49 7.62
N GLN B 95 20.74 2.45 8.50
CA GLN B 95 21.69 2.78 9.55
C GLN B 95 21.59 1.79 10.71
N TRP B 96 22.71 1.25 11.15
CA TRP B 96 22.71 0.37 12.30
C TRP B 96 23.73 0.83 13.32
N PRO B 97 23.40 0.71 14.61
CA PRO B 97 22.18 0.09 15.12
C PRO B 97 20.96 0.97 14.93
N PHE B 98 19.79 0.37 15.10
CA PHE B 98 18.53 1.07 15.12
C PHE B 98 18.60 2.00 16.32
N ARG B 99 18.20 3.25 16.13
CA ARG B 99 18.42 4.26 17.16
C ARG B 99 17.20 5.16 17.46
N GLN B 100 16.02 4.72 17.05
CA GLN B 100 14.84 5.59 17.13
C GLN B 100 14.11 5.47 18.47
N ARG B 101 13.49 6.57 18.90
CA ARG B 101 12.64 6.46 20.09
C ARG B 101 11.40 5.64 19.74
N VAL B 102 10.96 4.82 20.67
CA VAL B 102 9.78 3.97 20.44
C VAL B 102 8.75 4.18 21.52
N THR B 103 7.48 4.19 21.14
CA THR B 103 6.40 4.29 22.10
C THR B 103 5.43 3.13 22.00
N LEU B 104 5.15 2.51 23.15
CA LEU B 104 4.27 1.37 23.25
C LEU B 104 2.99 1.79 23.93
N MET B 105 1.85 1.36 23.39
CA MET B 105 0.56 1.78 23.96
C MET B 105 -0.53 0.73 24.00
N LEU B 106 -1.38 0.83 25.03
CA LEU B 106 -2.63 0.10 25.07
C LEU B 106 -3.68 1.18 25.10
N LEU B 107 -4.64 1.07 24.19
CA LEU B 107 -5.56 2.16 23.92
C LEU B 107 -6.81 2.15 24.79
N ASP B 108 -7.13 3.31 25.33
CA ASP B 108 -8.36 3.46 26.09
C ASP B 108 -9.50 3.61 25.11
N GLN B 109 -10.42 2.66 25.14
CA GLN B 109 -11.54 2.66 24.21
C GLN B 109 -12.74 3.46 24.72
N SER B 110 -12.62 4.04 25.90
CA SER B 110 -13.73 4.76 26.51
C SER B 110 -14.01 6.11 25.87
N GLY B 111 -13.02 6.67 25.17
CA GLY B 111 -13.15 8.01 24.64
C GLY B 111 -12.45 9.05 25.52
N LYS B 112 -12.26 8.73 26.79
CA LYS B 112 -11.45 9.56 27.67
C LYS B 112 -9.99 9.56 27.25
N LYS B 113 -9.67 8.76 26.23
CA LYS B 113 -8.30 8.66 25.71
C LYS B 113 -7.25 8.52 26.80
N ASN B 114 -7.61 7.80 27.85
CA ASN B 114 -6.68 7.58 28.94
C ASN B 114 -5.80 6.36 28.67
N HIS B 115 -4.95 6.46 27.65
CA HIS B 115 -4.17 5.31 27.22
C HIS B 115 -3.01 5.03 28.14
N ILE B 116 -2.51 3.81 28.08
CA ILE B 116 -1.30 3.44 28.78
C ILE B 116 -0.12 3.47 27.83
N VAL B 117 0.83 4.36 28.11
CA VAL B 117 1.95 4.58 27.21
C VAL B 117 3.31 4.50 27.91
N GLU B 118 4.20 3.70 27.34
CA GLU B 118 5.60 3.65 27.80
C GLU B 118 6.49 3.98 26.63
N THR B 119 7.45 4.89 26.81
CA THR B 119 8.35 5.22 25.72
C THR B 119 9.81 5.06 26.11
N PHE B 120 10.68 4.85 25.14
CA PHE B 120 12.11 4.74 25.45
C PHE B 120 13.00 4.96 24.22
N LYS B 121 14.26 5.30 24.49
CA LYS B 121 15.24 5.49 23.42
C LYS B 121 15.95 4.16 23.19
N ALA B 122 16.06 3.75 21.94
CA ALA B 122 16.71 2.47 21.64
C ALA B 122 18.20 2.47 22.00
N ASP B 123 18.56 1.58 22.91
CA ASP B 123 19.93 1.45 23.40
C ASP B 123 20.87 0.85 22.35
N PRO B 124 21.80 1.65 21.84
CA PRO B 124 22.72 1.20 20.79
C PRO B 124 23.49 -0.08 21.16
N ASN B 125 23.80 -0.25 22.43
CA ASN B 125 24.51 -1.45 22.88
C ASN B 125 23.63 -2.68 22.97
N SER B 126 22.32 -2.50 22.82
CA SER B 126 21.40 -3.62 22.86
C SER B 126 21.44 -4.42 21.54
N SER B 127 21.40 -5.74 21.68
CA SER B 127 21.45 -6.62 20.51
C SER B 127 20.06 -6.73 19.88
N SER B 128 19.09 -6.10 20.51
CA SER B 128 17.76 -6.01 19.93
C SER B 128 17.84 -5.12 18.70
N PHE B 129 18.84 -4.24 18.66
CA PHE B 129 18.94 -3.21 17.63
C PHE B 129 20.10 -3.32 16.65
N LYS B 130 20.79 -4.45 16.68
CA LYS B 130 21.83 -4.68 15.67
C LYS B 130 21.13 -5.01 14.36
N ARG B 131 21.84 -4.87 13.25
CA ARG B 131 21.30 -5.32 11.98
C ARG B 131 21.00 -6.82 12.05
N PRO B 132 19.75 -7.21 11.75
CA PRO B 132 19.33 -8.58 12.05
C PRO B 132 20.11 -9.63 11.30
N ASP B 133 20.21 -10.79 11.93
CA ASP B 133 21.04 -11.87 11.44
C ASP B 133 20.16 -12.95 10.87
N GLY B 134 19.09 -13.25 11.58
CA GLY B 134 18.12 -14.20 11.09
C GLY B 134 16.82 -13.47 10.81
N GLU B 135 15.72 -14.15 11.08
CA GLU B 135 14.41 -13.59 10.83
C GLU B 135 14.13 -12.32 11.65
N MET B 136 14.57 -12.30 12.91
CA MET B 136 14.31 -11.13 13.77
C MET B 136 15.12 -11.08 15.06
N ASN B 137 15.55 -9.87 15.40
CA ASN B 137 16.33 -9.67 16.60
C ASN B 137 15.55 -10.01 17.87
N ILE B 138 16.28 -10.14 18.98
CA ILE B 138 15.65 -10.41 20.25
C ILE B 138 14.70 -9.27 20.55
N ALA B 139 13.53 -9.62 21.10
CA ALA B 139 12.51 -8.64 21.40
C ALA B 139 12.95 -7.79 22.58
N SER B 140 12.36 -6.62 22.71
CA SER B 140 12.73 -5.72 23.79
C SER B 140 11.53 -4.86 24.11
N GLY B 141 11.24 -4.67 25.38
CA GLY B 141 10.12 -3.83 25.75
C GLY B 141 9.77 -3.94 27.22
N CYS B 142 8.47 -4.09 27.50
CA CYS B 142 7.99 -4.05 28.88
C CYS B 142 7.32 -5.35 29.27
N PRO B 143 8.02 -6.18 30.06
CA PRO B 143 7.45 -7.44 30.53
C PRO B 143 6.29 -7.11 31.44
N ARG B 144 6.33 -5.92 32.01
CA ARG B 144 5.30 -5.52 32.97
C ARG B 144 4.61 -4.25 32.48
N PHE B 145 4.27 -4.28 31.20
CA PHE B 145 3.66 -3.14 30.56
C PHE B 145 2.38 -2.73 31.27
N VAL B 146 1.46 -3.69 31.44
CA VAL B 146 0.22 -3.43 32.17
C VAL B 146 -0.25 -4.67 32.91
N SER B 147 -0.72 -4.50 34.14
CA SER B 147 -1.10 -5.64 34.97
C SER B 147 -2.48 -6.14 34.56
N HIS B 148 -2.65 -7.46 34.63
CA HIS B 148 -3.94 -8.07 34.35
C HIS B 148 -5.03 -7.30 35.09
N SER B 149 -4.70 -6.89 36.30
CA SER B 149 -5.66 -6.22 37.16
C SER B 149 -6.21 -4.96 36.50
N THR B 150 -5.31 -4.12 36.01
CA THR B 150 -5.72 -2.86 35.43
C THR B 150 -6.38 -3.08 34.09
N LEU B 151 -5.81 -4.01 33.34
CA LEU B 151 -6.26 -4.29 31.99
C LEU B 151 -7.68 -4.86 31.98
N GLU B 152 -7.97 -5.73 32.93
CA GLU B 152 -9.17 -6.53 32.87
C GLU B 152 -10.28 -5.94 33.69
N ASN B 153 -9.91 -4.96 34.52
CA ASN B 153 -10.82 -4.27 35.44
C ASN B 153 -12.19 -4.03 34.87
N SER B 154 -13.20 -4.63 35.48
CA SER B 154 -14.57 -4.56 34.95
C SER B 154 -15.06 -3.12 34.73
N LYS B 155 -14.53 -2.17 35.50
CA LYS B 155 -14.91 -0.78 35.32
C LYS B 155 -14.00 -0.03 34.35
N ASN B 156 -13.05 -0.73 33.73
CA ASN B 156 -12.18 -0.14 32.69
C ASN B 156 -12.61 -0.51 31.29
N THR B 157 -12.03 0.19 30.30
CA THR B 157 -12.41 0.04 28.90
C THR B 157 -11.17 -0.15 28.03
N TYR B 158 -10.24 -0.96 28.52
CA TYR B 158 -9.12 -1.34 27.70
C TYR B 158 -9.54 -2.59 26.92
N ILE B 159 -10.47 -3.37 27.51
CA ILE B 159 -11.09 -4.45 26.76
C ILE B 159 -12.56 -4.19 26.55
N LYS B 160 -12.98 -4.22 25.30
CA LYS B 160 -14.35 -3.97 24.95
C LYS B 160 -14.74 -5.02 23.92
N ASP B 161 -15.84 -5.73 24.20
CA ASP B 161 -16.29 -6.81 23.34
C ASP B 161 -15.17 -7.81 23.09
N ASP B 162 -14.45 -8.14 24.17
CA ASP B 162 -13.43 -9.18 24.13
C ASP B 162 -12.28 -8.83 23.17
N THR B 163 -12.10 -7.54 22.87
CA THR B 163 -10.96 -7.14 22.08
C THR B 163 -10.29 -5.86 22.58
N LEU B 164 -8.95 -5.83 22.49
CA LEU B 164 -8.15 -4.66 22.86
C LEU B 164 -7.29 -4.17 21.69
N PHE B 165 -6.78 -2.95 21.79
CA PHE B 165 -5.93 -2.41 20.72
C PHE B 165 -4.58 -1.98 21.25
N LEU B 166 -3.52 -2.48 20.63
CA LEU B 166 -2.17 -2.09 21.00
C LEU B 166 -1.61 -1.18 19.94
N LYS B 167 -0.80 -0.21 20.34
CA LYS B 167 -0.22 0.71 19.38
C LYS B 167 1.27 0.85 19.59
N VAL B 168 2.02 0.69 18.52
CA VAL B 168 3.45 1.01 18.53
C VAL B 168 3.72 2.21 17.64
N ALA B 169 4.50 3.17 18.14
CA ALA B 169 4.86 4.31 17.30
C ALA B 169 6.35 4.56 17.39
N VAL B 170 7.00 4.49 16.23
CA VAL B 170 8.42 4.78 16.09
C VAL B 170 8.64 6.24 15.69
N ASP B 171 9.52 6.93 16.39
CA ASP B 171 9.88 8.30 16.00
C ASP B 171 10.82 8.30 14.79
N LEU B 172 10.39 8.99 13.73
CA LEU B 172 11.10 9.01 12.45
C LEU B 172 12.13 10.12 12.32
N THR B 173 12.22 10.96 13.34
CA THR B 173 13.19 12.03 13.38
C THR B 173 14.55 11.56 12.92
N ASP B 174 15.14 12.31 12.00
CA ASP B 174 16.48 12.01 11.47
C ASP B 174 16.55 10.70 10.71
N LEU B 175 15.46 10.34 10.06
CA LEU B 175 15.45 9.19 9.18
C LEU B 175 15.10 9.61 7.75
N GLU B 176 15.68 8.92 6.78
CA GLU B 176 15.29 9.14 5.40
C GLU B 176 14.50 7.93 4.87
N ASP B 177 13.79 8.12 3.76
CA ASP B 177 12.89 7.12 3.18
C ASP B 177 13.59 6.20 2.17
N ASN C 1 -1.47 -28.44 -15.15
CA ASN C 1 -1.04 -27.95 -16.46
C ASN C 1 -1.27 -26.45 -16.61
N ILE C 2 -2.52 -26.05 -16.44
CA ILE C 2 -2.93 -24.64 -16.54
C ILE C 2 -2.73 -23.93 -15.19
N HIS C 3 -2.67 -24.75 -14.14
CA HIS C 3 -2.68 -24.24 -12.78
C HIS C 3 -1.30 -23.81 -12.31
N LYS C 4 -0.28 -24.21 -13.06
CA LYS C 4 1.06 -23.67 -12.86
C LYS C 4 1.09 -22.25 -13.37
N ALA C 5 0.33 -22.00 -14.44
CA ALA C 5 0.14 -20.65 -14.96
C ALA C 5 -0.69 -19.83 -13.99
N GLN C 6 -1.64 -20.49 -13.32
CA GLN C 6 -2.41 -19.81 -12.27
C GLN C 6 -1.53 -19.43 -11.07
N LEU C 7 -0.71 -20.36 -10.63
CA LEU C 7 0.18 -20.14 -9.49
C LEU C 7 1.26 -19.13 -9.80
N ASN C 8 1.65 -19.06 -11.07
CA ASN C 8 2.61 -18.06 -11.48
C ASN C 8 1.98 -16.70 -11.62
N LYS C 9 0.75 -16.67 -12.12
CA LYS C 9 0.00 -15.42 -12.21
C LYS C 9 -0.15 -14.84 -10.79
N ASN C 10 -0.58 -15.67 -9.86
CA ASN C 10 -0.62 -15.27 -8.47
C ASN C 10 0.74 -14.76 -7.99
N GLU C 11 1.74 -15.63 -8.01
CA GLU C 11 3.08 -15.21 -7.60
C GLU C 11 3.48 -13.82 -8.13
N GLU C 12 3.24 -13.56 -9.41
CA GLU C 12 3.61 -12.26 -9.94
C GLU C 12 2.76 -11.13 -9.37
N ARG C 13 1.46 -11.37 -9.23
CA ARG C 13 0.57 -10.35 -8.69
C ARG C 13 1.04 -9.96 -7.28
N PHE C 14 1.33 -11.00 -6.51
CA PHE C 14 1.82 -10.82 -5.16
C PHE C 14 3.10 -9.97 -5.21
N LYS C 15 3.96 -10.29 -6.16
CA LYS C 15 5.23 -9.59 -6.27
C LYS C 15 5.04 -8.10 -6.55
N GLN C 16 4.10 -7.78 -7.44
CA GLN C 16 3.84 -6.38 -7.78
C GLN C 16 3.32 -5.64 -6.59
N LEU C 17 2.32 -6.22 -5.92
CA LEU C 17 1.77 -5.62 -4.72
C LEU C 17 2.85 -5.38 -3.65
N GLU C 18 3.73 -6.36 -3.46
CA GLU C 18 4.78 -6.25 -2.46
C GLU C 18 5.76 -5.18 -2.88
N GLY C 19 5.88 -4.95 -4.20
CA GLY C 19 6.86 -4.02 -4.71
C GLY C 19 6.42 -2.59 -5.00
N ALA C 20 5.12 -2.34 -5.00
CA ALA C 20 4.66 -1.05 -5.47
C ALA C 20 5.03 0.10 -4.51
N CYS C 21 5.39 1.25 -5.09
CA CYS C 21 5.68 2.48 -4.33
C CYS C 21 4.94 3.60 -5.02
N TYR C 22 4.56 4.63 -4.27
CA TYR C 22 3.68 5.65 -4.83
C TYR C 22 4.14 7.08 -4.68
N SER C 23 5.45 7.28 -4.73
CA SER C 23 6.00 8.62 -4.61
C SER C 23 7.02 8.90 -5.67
N GLY C 24 6.93 8.19 -6.79
CA GLY C 24 7.86 8.35 -7.89
C GLY C 24 9.28 7.92 -7.53
N LYS C 25 9.39 7.06 -6.53
CA LYS C 25 10.70 6.67 -6.04
C LYS C 25 10.79 5.14 -6.07
N LEU C 26 11.84 4.62 -6.68
CA LEU C 26 12.02 3.17 -6.72
C LEU C 26 13.38 2.81 -6.20
N ILE C 27 13.43 1.91 -5.24
CA ILE C 27 14.70 1.29 -4.86
C ILE C 27 14.63 -0.19 -5.20
N TRP C 28 15.57 -0.62 -6.01
CA TRP C 28 15.49 -1.90 -6.67
C TRP C 28 16.66 -2.75 -6.20
N LYS C 29 16.38 -3.74 -5.38
CA LYS C 29 17.42 -4.63 -4.92
C LYS C 29 17.67 -5.74 -5.94
N VAL C 30 18.92 -5.84 -6.37
CA VAL C 30 19.29 -6.88 -7.30
C VAL C 30 20.23 -7.91 -6.63
N THR C 31 19.68 -9.09 -6.36
CA THR C 31 20.43 -10.13 -5.68
C THR C 31 20.95 -11.13 -6.69
N ASP C 32 21.91 -11.95 -6.28
CA ASP C 32 22.49 -12.93 -7.18
C ASP C 32 23.10 -12.25 -8.40
N TYR C 33 23.95 -11.26 -8.17
CA TYR C 33 24.56 -10.56 -9.30
C TYR C 33 25.30 -11.52 -10.21
N ARG C 34 26.33 -12.18 -9.67
CA ARG C 34 27.19 -13.04 -10.47
C ARG C 34 26.40 -13.93 -11.42
N VAL C 35 25.37 -14.60 -10.90
CA VAL C 35 24.57 -15.54 -11.68
C VAL C 35 23.75 -14.84 -12.75
N LYS C 36 23.22 -13.68 -12.41
CA LYS C 36 22.39 -12.95 -13.36
C LYS C 36 23.23 -12.37 -14.50
N LYS C 37 24.43 -11.90 -14.17
CA LYS C 37 25.35 -11.42 -15.18
C LYS C 37 25.76 -12.58 -16.06
N ARG C 38 25.97 -13.73 -15.44
CA ARG C 38 26.27 -14.93 -16.20
C ARG C 38 25.14 -15.19 -17.21
N GLU C 39 23.90 -15.07 -16.77
CA GLU C 39 22.78 -15.34 -17.68
C GLU C 39 22.76 -14.30 -18.80
N ALA C 40 23.20 -13.08 -18.47
CA ALA C 40 23.22 -12.04 -19.49
C ALA C 40 24.23 -12.43 -20.55
N VAL C 41 25.45 -12.69 -20.11
CA VAL C 41 26.56 -13.03 -20.99
C VAL C 41 26.24 -14.23 -21.87
N GLU C 42 25.61 -15.25 -21.30
CA GLU C 42 25.25 -16.44 -22.07
C GLU C 42 24.05 -16.25 -23.02
N GLY C 43 23.46 -15.05 -23.01
CA GLY C 43 22.30 -14.76 -23.84
C GLY C 43 21.03 -15.41 -23.32
N HIS C 44 21.12 -15.98 -22.13
CA HIS C 44 19.99 -16.67 -21.48
C HIS C 44 18.91 -15.69 -21.02
N THR C 45 19.33 -14.61 -20.37
CA THR C 45 18.40 -13.62 -19.84
C THR C 45 19.06 -12.26 -19.95
N VAL C 46 18.86 -11.63 -21.10
CA VAL C 46 19.54 -10.40 -21.44
C VAL C 46 19.32 -9.26 -20.45
N SER C 47 18.07 -9.09 -20.01
CA SER C 47 17.68 -7.94 -19.19
C SER C 47 16.76 -8.30 -18.03
N VAL C 48 16.74 -7.44 -17.01
CA VAL C 48 15.89 -7.66 -15.87
C VAL C 48 15.05 -6.43 -15.63
N PHE C 49 13.88 -6.65 -15.01
CA PHE C 49 12.91 -5.59 -14.75
C PHE C 49 12.70 -5.35 -13.28
N SER C 50 12.37 -4.13 -12.91
CA SER C 50 11.90 -3.88 -11.56
C SER C 50 10.40 -4.14 -11.55
N GLN C 51 9.83 -4.16 -10.37
CA GLN C 51 8.39 -4.16 -10.24
C GLN C 51 7.89 -2.76 -10.58
N PRO C 52 6.65 -2.66 -11.05
CA PRO C 52 6.10 -1.34 -11.38
C PRO C 52 6.06 -0.42 -10.16
N PHE C 53 6.45 0.85 -10.32
CA PHE C 53 6.19 1.87 -9.31
C PHE C 53 5.44 3.06 -9.91
N TYR C 54 5.02 3.99 -9.06
CA TYR C 54 4.08 5.03 -9.47
C TYR C 54 4.45 6.39 -8.95
N THR C 55 4.02 7.42 -9.68
CA THR C 55 4.22 8.79 -9.23
C THR C 55 3.24 9.15 -8.11
N SER C 56 2.09 8.47 -8.10
CA SER C 56 1.06 8.66 -7.09
C SER C 56 0.10 7.52 -7.27
N ARG C 57 -0.76 7.29 -6.29
CA ARG C 57 -1.61 6.10 -6.31
C ARG C 57 -2.34 6.01 -7.64
N CYS C 58 -2.81 7.15 -8.14
CA CYS C 58 -3.48 7.20 -9.45
C CYS C 58 -2.68 7.93 -10.54
N GLY C 59 -1.35 7.93 -10.44
CA GLY C 59 -0.52 8.55 -11.46
C GLY C 59 0.05 7.60 -12.53
N TYR C 60 1.21 7.98 -13.06
CA TYR C 60 1.90 7.18 -14.04
C TYR C 60 2.43 5.87 -13.46
N ARG C 61 2.21 4.79 -14.21
CA ARG C 61 2.83 3.51 -13.90
C ARG C 61 4.19 3.46 -14.60
N LEU C 62 5.22 3.02 -13.89
CA LEU C 62 6.60 3.08 -14.39
C LEU C 62 7.37 1.88 -13.94
N CYS C 63 8.56 1.71 -14.49
CA CYS C 63 9.49 0.70 -13.98
C CYS C 63 10.85 0.87 -14.60
N ALA C 64 11.80 0.11 -14.07
CA ALA C 64 13.16 0.22 -14.55
C ALA C 64 13.59 -1.08 -15.22
N ARG C 65 14.60 -0.99 -16.06
CA ARG C 65 15.09 -2.17 -16.74
C ARG C 65 16.59 -2.13 -16.84
N ALA C 66 17.25 -3.21 -16.49
CA ALA C 66 18.71 -3.21 -16.56
C ALA C 66 19.23 -4.31 -17.48
N TYR C 67 20.29 -3.99 -18.21
CA TYR C 67 21.02 -5.00 -18.96
C TYR C 67 22.33 -5.20 -18.25
N LEU C 68 22.41 -6.27 -17.49
CA LEU C 68 23.56 -6.51 -16.64
C LEU C 68 24.84 -6.64 -17.46
N ASN C 69 24.73 -7.20 -18.65
CA ASN C 69 25.89 -7.31 -19.51
C ASN C 69 25.86 -6.24 -20.61
N GLY C 70 25.15 -5.16 -20.33
CA GLY C 70 25.14 -4.02 -21.23
C GLY C 70 24.30 -4.18 -22.47
N ASP C 71 23.95 -3.04 -23.06
CA ASP C 71 23.07 -2.97 -24.20
C ASP C 71 23.55 -1.87 -25.13
N GLY C 72 23.51 -2.17 -26.44
CA GLY C 72 23.96 -1.24 -27.46
C GLY C 72 25.29 -0.58 -27.16
N SER C 73 25.24 0.73 -26.99
CA SER C 73 26.43 1.54 -26.75
C SER C 73 27.35 1.03 -25.60
N GLY C 74 26.83 0.21 -24.70
CA GLY C 74 27.58 -0.28 -23.56
C GLY C 74 27.58 -1.81 -23.49
N LYS C 75 27.05 -2.42 -24.53
CA LYS C 75 27.03 -3.87 -24.66
C LYS C 75 28.36 -4.50 -24.32
N GLY C 76 28.33 -5.48 -23.42
CA GLY C 76 29.52 -6.24 -23.05
C GLY C 76 30.47 -5.54 -22.09
N THR C 77 30.29 -4.25 -21.87
CA THR C 77 31.25 -3.49 -21.06
C THR C 77 30.64 -2.73 -19.88
N HIS C 78 29.36 -2.40 -19.97
CA HIS C 78 28.68 -1.69 -18.90
C HIS C 78 27.40 -2.37 -18.46
N LEU C 79 26.92 -1.95 -17.29
CA LEU C 79 25.54 -2.19 -16.92
C LEU C 79 24.74 -1.04 -17.54
N SER C 80 23.71 -1.42 -18.28
CA SER C 80 22.85 -0.48 -18.96
C SER C 80 21.59 -0.29 -18.13
N LEU C 81 21.31 0.95 -17.75
CA LEU C 81 20.11 1.23 -16.95
C LEU C 81 19.09 2.10 -17.63
N TYR C 82 17.89 1.57 -17.81
CA TYR C 82 16.85 2.28 -18.54
C TYR C 82 15.57 2.52 -17.74
N PHE C 83 14.94 3.65 -18.04
CA PHE C 83 13.69 4.07 -17.43
C PHE C 83 12.58 3.67 -18.39
N VAL C 84 11.39 3.36 -17.87
CA VAL C 84 10.29 2.89 -18.71
C VAL C 84 8.92 3.38 -18.24
N VAL C 85 8.21 4.08 -19.11
CA VAL C 85 6.82 4.42 -18.88
C VAL C 85 5.95 3.26 -19.29
N MET C 86 5.10 2.78 -18.38
CA MET C 86 4.23 1.67 -18.68
C MET C 86 2.84 2.22 -18.90
N ARG C 87 1.95 1.39 -19.43
CA ARG C 87 0.55 1.76 -19.53
C ARG C 87 -0.06 1.81 -18.13
N GLY C 88 -0.63 2.96 -17.78
CA GLY C 88 -1.28 3.12 -16.49
C GLY C 88 -2.79 3.03 -16.58
N GLU C 89 -3.42 2.68 -15.46
CA GLU C 89 -4.86 2.54 -15.40
C GLU C 89 -5.55 3.90 -15.64
N PHE C 90 -4.88 4.99 -15.30
CA PHE C 90 -5.50 6.30 -15.40
C PHE C 90 -4.82 7.19 -16.44
N ASP C 91 -4.15 6.57 -17.39
CA ASP C 91 -3.44 7.33 -18.41
C ASP C 91 -4.30 8.42 -19.11
N SER C 92 -5.59 8.18 -19.31
CA SER C 92 -6.46 9.18 -19.91
C SER C 92 -6.51 10.50 -19.15
N LEU C 93 -6.33 10.44 -17.83
CA LEU C 93 -6.42 11.63 -16.99
C LEU C 93 -5.06 12.29 -16.86
N LEU C 94 -4.01 11.61 -17.30
CA LEU C 94 -2.68 12.16 -17.12
C LEU C 94 -2.23 13.03 -18.28
N GLN C 95 -1.28 13.91 -17.99
CA GLN C 95 -0.75 14.81 -19.00
C GLN C 95 0.24 14.07 -19.89
N TRP C 96 0.12 14.24 -21.20
CA TRP C 96 1.09 13.64 -22.12
C TRP C 96 1.61 14.71 -23.06
N PRO C 97 2.91 14.65 -23.39
CA PRO C 97 3.83 13.59 -22.99
C PRO C 97 4.24 13.70 -21.52
N PHE C 98 4.83 12.62 -21.00
CA PHE C 98 5.48 12.62 -19.71
C PHE C 98 6.60 13.64 -19.80
N ARG C 99 6.72 14.49 -18.79
CA ARG C 99 7.63 15.62 -18.86
C ARG C 99 8.49 15.87 -17.61
N GLN C 100 8.62 14.85 -16.76
CA GLN C 100 9.29 15.00 -15.47
C GLN C 100 10.77 14.76 -15.55
N ARG C 101 11.55 15.44 -14.72
CA ARG C 101 12.97 15.09 -14.61
C ARG C 101 13.11 13.72 -13.97
N VAL C 102 14.10 12.96 -14.41
CA VAL C 102 14.33 11.62 -13.87
C VAL C 102 15.78 11.44 -13.45
N THR C 103 15.99 10.74 -12.35
CA THR C 103 17.34 10.50 -11.87
C THR C 103 17.54 9.01 -11.66
N LEU C 104 18.66 8.52 -12.17
CA LEU C 104 19.01 7.10 -12.16
C LEU C 104 20.22 6.94 -11.28
N MET C 105 20.23 5.91 -10.44
CA MET C 105 21.30 5.74 -9.47
C MET C 105 21.70 4.31 -9.19
N LEU C 106 22.99 4.14 -8.91
CA LEU C 106 23.49 2.91 -8.36
C LEU C 106 24.06 3.33 -7.02
N LEU C 107 23.68 2.61 -5.98
CA LEU C 107 23.91 3.09 -4.62
C LEU C 107 25.21 2.60 -4.03
N ASP C 108 25.94 3.51 -3.39
CA ASP C 108 27.15 3.15 -2.70
C ASP C 108 26.79 2.58 -1.35
N GLN C 109 27.09 1.30 -1.17
CA GLN C 109 26.75 0.62 0.07
C GLN C 109 27.80 0.79 1.17
N SER C 110 28.86 1.54 0.88
CA SER C 110 29.96 1.69 1.83
C SER C 110 29.63 2.60 3.00
N GLY C 111 28.63 3.46 2.84
CA GLY C 111 28.34 4.46 3.84
C GLY C 111 28.89 5.83 3.45
N LYS C 112 29.91 5.84 2.59
CA LYS C 112 30.44 7.10 2.06
C LYS C 112 29.43 7.75 1.12
N LYS C 113 28.32 7.05 0.88
CA LYS C 113 27.26 7.58 0.04
C LYS C 113 27.79 8.15 -1.29
N ASN C 114 28.81 7.49 -1.82
CA ASN C 114 29.38 7.91 -3.10
C ASN C 114 28.65 7.27 -4.28
N HIS C 115 27.40 7.68 -4.48
CA HIS C 115 26.54 7.01 -5.45
C HIS C 115 26.85 7.46 -6.85
N ILE C 116 26.48 6.64 -7.82
CA ILE C 116 26.56 7.02 -9.22
C ILE C 116 25.21 7.51 -9.72
N VAL C 117 25.14 8.77 -10.11
CA VAL C 117 23.87 9.35 -10.44
C VAL C 117 23.87 10.08 -11.78
N GLU C 118 22.90 9.74 -12.63
CA GLU C 118 22.70 10.43 -13.89
C GLU C 118 21.30 10.99 -13.90
N THR C 119 21.13 12.24 -14.27
CA THR C 119 19.81 12.82 -14.32
C THR C 119 19.49 13.45 -15.68
N PHE C 120 18.21 13.55 -16.03
CA PHE C 120 17.87 14.18 -17.29
C PHE C 120 16.42 14.65 -17.35
N LYS C 121 16.14 15.60 -18.25
CA LYS C 121 14.78 16.08 -18.45
C LYS C 121 14.16 15.24 -19.55
N ALA C 122 12.92 14.80 -19.36
CA ALA C 122 12.28 13.95 -20.36
C ALA C 122 11.95 14.73 -21.64
N ASP C 123 12.57 14.32 -22.74
CA ASP C 123 12.39 14.92 -24.05
C ASP C 123 10.99 14.70 -24.65
N PRO C 124 10.18 15.77 -24.74
CA PRO C 124 8.80 15.65 -25.21
C PRO C 124 8.68 15.01 -26.58
N ASN C 125 9.70 15.17 -27.42
CA ASN C 125 9.67 14.57 -28.75
C ASN C 125 9.95 13.09 -28.74
N SER C 126 10.45 12.59 -27.62
CA SER C 126 10.79 11.18 -27.52
C SER C 126 9.53 10.34 -27.41
N SER C 127 9.55 9.19 -28.08
CA SER C 127 8.41 8.31 -28.09
C SER C 127 8.41 7.45 -26.82
N SER C 128 9.47 7.58 -26.03
CA SER C 128 9.54 6.92 -24.74
C SER C 128 8.45 7.52 -23.85
N PHE C 129 8.08 8.78 -24.12
CA PHE C 129 7.20 9.54 -23.25
C PHE C 129 5.81 9.88 -23.80
N LYS C 130 5.43 9.27 -24.91
CA LYS C 130 4.07 9.42 -25.39
C LYS C 130 3.18 8.61 -24.48
N ARG C 131 1.88 8.86 -24.54
CA ARG C 131 0.94 8.03 -23.81
C ARG C 131 0.97 6.60 -24.35
N PRO C 132 1.23 5.62 -23.46
CA PRO C 132 1.57 4.29 -23.97
C PRO C 132 0.47 3.66 -24.79
N ASP C 133 0.89 2.82 -25.73
CA ASP C 133 -0.01 2.22 -26.69
C ASP C 133 -0.23 0.76 -26.34
N GLY C 134 0.85 0.09 -25.96
CA GLY C 134 0.73 -1.28 -25.49
C GLY C 134 1.09 -1.35 -24.04
N GLU C 135 1.78 -2.41 -23.67
CA GLU C 135 2.14 -2.63 -22.28
C GLU C 135 3.12 -1.55 -21.78
N MET C 136 4.07 -1.15 -22.63
CA MET C 136 5.03 -0.13 -22.19
C MET C 136 5.81 0.52 -23.32
N ASN C 137 6.03 1.83 -23.20
CA ASN C 137 6.83 2.57 -24.17
C ASN C 137 8.27 2.09 -24.28
N ILE C 138 8.95 2.50 -25.35
CA ILE C 138 10.35 2.15 -25.53
C ILE C 138 11.14 2.72 -24.37
N ALA C 139 12.10 1.95 -23.89
CA ALA C 139 12.89 2.34 -22.75
C ALA C 139 13.81 3.46 -23.14
N SER C 140 14.31 4.18 -22.15
CA SER C 140 15.19 5.29 -22.40
C SER C 140 16.07 5.48 -21.18
N GLY C 141 17.35 5.71 -21.39
CA GLY C 141 18.27 5.88 -20.28
C GLY C 141 19.72 5.83 -20.69
N CYS C 142 20.53 5.11 -19.93
CA CYS C 142 21.97 5.13 -20.10
C CYS C 142 22.50 3.73 -20.39
N PRO C 143 22.83 3.48 -21.66
CA PRO C 143 23.39 2.19 -22.05
C PRO C 143 24.75 2.04 -21.38
N ARG C 144 25.38 3.17 -21.06
CA ARG C 144 26.70 3.14 -20.44
C ARG C 144 26.66 3.81 -19.08
N PHE C 145 25.64 3.45 -18.32
CA PHE C 145 25.42 4.04 -17.01
C PHE C 145 26.64 3.86 -16.11
N VAL C 146 27.10 2.62 -15.95
CA VAL C 146 28.32 2.38 -15.20
C VAL C 146 29.08 1.17 -15.77
N SER C 147 30.41 1.29 -15.87
CA SER C 147 31.21 0.24 -16.46
C SER C 147 31.38 -0.94 -15.50
N HIS C 148 31.38 -2.15 -16.04
CA HIS C 148 31.63 -3.34 -15.26
C HIS C 148 32.86 -3.11 -14.39
N SER C 149 33.84 -2.40 -14.93
CA SER C 149 35.08 -2.17 -14.22
C SER C 149 34.85 -1.46 -12.88
N THR C 150 34.10 -0.37 -12.94
CA THR C 150 33.88 0.44 -11.76
C THR C 150 32.93 -0.30 -10.82
N LEU C 151 31.94 -0.93 -11.42
CA LEU C 151 30.88 -1.57 -10.68
C LEU C 151 31.41 -2.74 -9.88
N GLU C 152 32.36 -3.46 -10.47
CA GLU C 152 32.72 -4.77 -9.94
C GLU C 152 33.95 -4.77 -9.05
N ASN C 153 34.69 -3.67 -8.94
CA ASN C 153 35.91 -3.80 -8.15
C ASN C 153 35.70 -3.84 -6.62
N SER C 154 36.67 -4.44 -5.95
CA SER C 154 36.60 -4.77 -4.53
C SER C 154 36.55 -3.53 -3.65
N LYS C 155 37.54 -2.66 -3.83
CA LYS C 155 37.64 -1.43 -3.06
C LYS C 155 36.31 -0.69 -3.18
N ASN C 156 35.64 -0.91 -4.29
CA ASN C 156 34.27 -0.45 -4.39
C ASN C 156 33.28 -1.34 -3.67
N THR C 157 32.16 -0.73 -3.35
CA THR C 157 31.11 -1.34 -2.55
C THR C 157 29.78 -1.03 -3.23
N TYR C 158 29.75 -1.21 -4.53
CA TYR C 158 28.49 -1.11 -5.23
C TYR C 158 27.88 -2.50 -5.24
N ILE C 159 28.73 -3.52 -5.16
CA ILE C 159 28.24 -4.86 -4.93
C ILE C 159 28.71 -5.39 -3.58
N LYS C 160 27.75 -5.80 -2.77
CA LYS C 160 28.05 -6.35 -1.47
C LYS C 160 27.21 -7.59 -1.31
N ASP C 161 27.86 -8.70 -0.97
CA ASP C 161 27.18 -9.98 -0.79
C ASP C 161 26.42 -10.33 -2.06
N ASP C 162 27.05 -10.05 -3.20
CA ASP C 162 26.50 -10.46 -4.49
C ASP C 162 25.18 -9.76 -4.80
N THR C 163 24.95 -8.61 -4.16
CA THR C 163 23.75 -7.83 -4.48
C THR C 163 24.01 -6.33 -4.50
N LEU C 164 23.35 -5.65 -5.45
CA LEU C 164 23.45 -4.20 -5.64
C LEU C 164 22.07 -3.54 -5.62
N PHE C 165 22.04 -2.24 -5.41
CA PHE C 165 20.78 -1.52 -5.33
C PHE C 165 20.73 -0.41 -6.36
N LEU C 166 19.67 -0.41 -7.17
CA LEU C 166 19.47 0.69 -8.11
C LEU C 166 18.30 1.54 -7.64
N LYS C 167 18.38 2.82 -7.93
CA LYS C 167 17.36 3.75 -7.51
C LYS C 167 16.93 4.65 -8.66
N VAL C 168 15.63 4.73 -8.88
CA VAL C 168 15.09 5.71 -9.81
C VAL C 168 14.27 6.71 -9.02
N ALA C 169 14.40 7.98 -9.35
CA ALA C 169 13.62 9.01 -8.68
C ALA C 169 13.06 9.98 -9.69
N VAL C 170 11.74 10.10 -9.70
CA VAL C 170 11.06 10.99 -10.62
C VAL C 170 10.74 12.28 -9.90
N ASP C 171 11.05 13.42 -10.51
CA ASP C 171 10.67 14.69 -9.91
C ASP C 171 9.19 14.97 -10.08
N LEU C 172 8.49 15.17 -8.96
CA LEU C 172 7.03 15.36 -8.98
C LEU C 172 6.58 16.81 -9.16
N THR C 173 7.54 17.72 -9.26
CA THR C 173 7.24 19.13 -9.47
C THR C 173 6.19 19.34 -10.54
N ASP C 174 5.15 20.11 -10.19
CA ASP C 174 4.08 20.43 -11.14
C ASP C 174 3.25 19.22 -11.53
N LEU C 175 3.06 18.31 -10.58
CA LEU C 175 2.23 17.14 -10.79
C LEU C 175 1.15 17.02 -9.72
N GLU C 176 -0.04 17.55 -10.00
CA GLU C 176 -1.11 17.40 -9.03
C GLU C 176 -1.37 15.93 -8.79
N ASP C 177 -1.76 15.59 -7.57
CA ASP C 177 -1.98 14.20 -7.19
C ASP C 177 -3.29 13.62 -7.76
#